data_4Q65
#
_entry.id   4Q65
#
_cell.length_a   94.035
_cell.length_b   109.448
_cell.length_c   76.659
_cell.angle_alpha   90.00
_cell.angle_beta   90.00
_cell.angle_gamma   90.00
#
_symmetry.space_group_name_H-M   'P 21 21 2'
#
_entity_poly.entity_id   1
_entity_poly.type   'polypeptide(L)'
_entity_poly.pdbx_seq_one_letter_code
;MNKHASQPRAIYYVVALQIWEYFSFYGMRALLILYLTNQLKYNDTHAYELFSAYCSLVYVTPILGGFLADKVLGNRMAVM
LGALLMAIGHVVLGASEIHPSFLYLSLAIIVCGYGLFKSNVSCLLGELYEPTDPRRDGGFSLMYAAGNVGSIIAPIACGY
AQEEYSWAMGFGLAAVGMIAGLVIFLCGNRHFTHTRGVNKKVLRATNFLLPNWGWLLVLLVATPALITILFWKEWSVYAL
IVATIIGLGVLAKIYRKAENQKQRKELGLIVTLTFFSMLFWAFAQQGGSSISLYIDRFVNRDMFGYTVPTAMFQSINAFA
VMLCGVFLAWVVKESVAGNRTVRIWGKFALGLGLMSAGFCILTLSARWSAMYGHSSLPLMVLGLAVMGFAELFIDPVAMS
QITRIEIPGVTGVLTGIYMLLSGAIANYLAGVIADQTSQASFDASGAINYSINAYIEVFDQITWGALACVGVVLMIWLYQ
ALKFRNRALALES
;
_entity_poly.pdbx_strand_id   A
#
# COMPACT_ATOMS: atom_id res chain seq x y z
N SER A 6 29.07 -1.03 -3.75
CA SER A 6 30.11 -1.08 -2.71
C SER A 6 29.54 -1.52 -1.35
N GLN A 7 28.44 -2.28 -1.40
CA GLN A 7 27.77 -2.76 -0.19
C GLN A 7 28.04 -4.26 0.05
N PRO A 8 27.51 -4.83 1.15
CA PRO A 8 27.63 -6.29 1.29
C PRO A 8 26.72 -7.08 0.34
N ARG A 9 26.87 -8.42 0.36
CA ARG A 9 26.21 -9.27 -0.61
C ARG A 9 24.70 -9.31 -0.41
N ALA A 10 24.28 -9.58 0.81
CA ALA A 10 22.86 -9.76 1.13
C ALA A 10 22.02 -8.53 0.79
N ILE A 11 22.67 -7.37 0.73
CA ILE A 11 21.96 -6.14 0.39
C ILE A 11 21.52 -6.09 -1.08
N TYR A 12 22.39 -6.55 -1.98
CA TYR A 12 22.02 -6.63 -3.40
C TYR A 12 20.84 -7.58 -3.51
N TYR A 13 20.91 -8.67 -2.75
CA TYR A 13 19.87 -9.68 -2.71
C TYR A 13 18.50 -9.12 -2.32
N VAL A 14 18.45 -8.51 -1.14
CA VAL A 14 17.20 -7.92 -0.65
C VAL A 14 16.71 -6.79 -1.57
N VAL A 15 17.64 -6.07 -2.19
CA VAL A 15 17.26 -5.03 -3.15
C VAL A 15 16.55 -5.63 -4.36
N ALA A 16 17.14 -6.67 -4.94
CA ALA A 16 16.58 -7.33 -6.12
C ALA A 16 15.21 -7.95 -5.80
N LEU A 17 15.10 -8.56 -4.63
CA LEU A 17 13.83 -9.13 -4.20
C LEU A 17 12.76 -8.06 -3.98
N GLN A 18 13.18 -6.89 -3.50
CA GLN A 18 12.24 -5.76 -3.40
C GLN A 18 11.76 -5.29 -4.76
N ILE A 19 12.68 -5.16 -5.72
CA ILE A 19 12.27 -4.71 -7.04
C ILE A 19 11.32 -5.70 -7.71
N TRP A 20 11.58 -7.00 -7.59
CA TRP A 20 10.67 -7.97 -8.21
C TRP A 20 9.35 -8.18 -7.48
N GLU A 21 9.37 -8.12 -6.15
CA GLU A 21 8.14 -8.22 -5.39
C GLU A 21 7.24 -7.01 -5.67
N TYR A 22 7.79 -5.80 -5.55
CA TYR A 22 7.06 -4.58 -5.85
C TYR A 22 6.53 -4.59 -7.29
N PHE A 23 7.39 -5.02 -8.22
CA PHE A 23 6.98 -5.21 -9.60
C PHE A 23 5.71 -6.06 -9.68
N SER A 24 5.78 -7.24 -9.08
CA SER A 24 4.65 -8.18 -9.14
C SER A 24 3.38 -7.58 -8.56
N PHE A 25 3.45 -7.21 -7.29
CA PHE A 25 2.30 -6.68 -6.56
C PHE A 25 1.64 -5.49 -7.26
N TYR A 26 2.43 -4.47 -7.57
CA TYR A 26 1.88 -3.25 -8.17
C TYR A 26 1.42 -3.43 -9.61
N GLY A 27 2.00 -4.39 -10.33
CA GLY A 27 1.51 -4.75 -11.65
C GLY A 27 0.14 -5.41 -11.59
N MET A 28 -0.02 -6.35 -10.65
CA MET A 28 -1.31 -6.98 -10.39
C MET A 28 -2.34 -5.96 -9.98
N ARG A 29 -2.01 -5.13 -8.99
CA ARG A 29 -2.93 -4.13 -8.46
C ARG A 29 -3.25 -3.08 -9.51
N ALA A 30 -2.35 -2.90 -10.47
CA ALA A 30 -2.63 -2.10 -11.66
C ALA A 30 -3.77 -2.74 -12.44
N LEU A 31 -3.58 -4.00 -12.83
CA LEU A 31 -4.64 -4.70 -13.56
C LEU A 31 -5.89 -4.98 -12.74
N LEU A 32 -5.84 -4.80 -11.43
CA LEU A 32 -6.84 -5.41 -10.58
C LEU A 32 -8.26 -4.91 -10.84
N ILE A 33 -8.46 -3.60 -10.67
CA ILE A 33 -9.80 -3.01 -10.76
C ILE A 33 -10.31 -3.07 -12.19
N LEU A 34 -9.40 -2.90 -13.13
CA LEU A 34 -9.70 -2.96 -14.54
C LEU A 34 -10.22 -4.32 -14.96
N TYR A 35 -9.43 -5.36 -14.69
CA TYR A 35 -9.81 -6.75 -14.91
C TYR A 35 -11.14 -7.05 -14.26
N LEU A 36 -11.20 -6.68 -12.98
CA LEU A 36 -12.37 -6.85 -12.13
C LEU A 36 -13.67 -6.31 -12.75
N THR A 37 -13.59 -5.16 -13.41
CA THR A 37 -14.80 -4.67 -14.05
C THR A 37 -15.00 -5.33 -15.39
N ASN A 38 -13.90 -5.46 -16.12
CA ASN A 38 -13.99 -5.79 -17.55
C ASN A 38 -14.15 -7.27 -17.88
N GLN A 39 -13.16 -8.13 -17.64
CA GLN A 39 -13.54 -9.53 -17.80
C GLN A 39 -13.75 -10.10 -16.43
N LEU A 40 -14.98 -10.02 -15.97
CA LEU A 40 -15.40 -10.57 -14.70
C LEU A 40 -16.82 -11.14 -14.74
N LYS A 41 -17.74 -10.28 -15.19
CA LYS A 41 -19.19 -10.24 -14.89
C LYS A 41 -19.50 -9.33 -13.71
N TYR A 42 -18.47 -8.74 -13.12
CA TYR A 42 -18.68 -7.80 -12.01
C TYR A 42 -18.99 -6.36 -12.44
N ASN A 43 -20.05 -5.82 -11.86
CA ASN A 43 -20.42 -4.40 -11.98
C ASN A 43 -19.46 -3.53 -11.18
N ASP A 44 -19.49 -2.23 -11.44
CA ASP A 44 -18.57 -1.28 -10.79
C ASP A 44 -18.48 -1.40 -9.27
N THR A 45 -19.62 -1.30 -8.58
CA THR A 45 -19.59 -1.21 -7.12
C THR A 45 -19.05 -2.47 -6.40
N HIS A 46 -19.41 -3.65 -6.89
CA HIS A 46 -18.86 -4.88 -6.35
C HIS A 46 -17.34 -4.90 -6.49
N ALA A 47 -16.84 -4.49 -7.65
CA ALA A 47 -15.40 -4.43 -7.92
C ALA A 47 -14.70 -3.43 -7.01
N TYR A 48 -15.37 -2.31 -6.76
CA TYR A 48 -14.85 -1.32 -5.83
C TYR A 48 -14.74 -1.89 -4.41
N GLU A 49 -15.76 -2.60 -3.95
CA GLU A 49 -15.68 -3.21 -2.62
C GLU A 49 -14.59 -4.29 -2.52
N LEU A 50 -14.45 -5.12 -3.55
CA LEU A 50 -13.37 -6.09 -3.53
C LEU A 50 -11.98 -5.44 -3.52
N PHE A 51 -11.70 -4.62 -4.53
CA PHE A 51 -10.39 -3.94 -4.66
C PHE A 51 -10.06 -3.23 -3.36
N SER A 52 -10.99 -2.42 -2.90
CA SER A 52 -10.83 -1.72 -1.64
C SER A 52 -10.47 -2.70 -0.53
N ALA A 53 -11.28 -3.76 -0.39
CA ALA A 53 -11.07 -4.79 0.62
C ALA A 53 -9.66 -5.34 0.59
N TYR A 54 -9.19 -5.62 -0.62
CA TYR A 54 -7.84 -6.09 -0.84
C TYR A 54 -6.86 -5.10 -0.29
N CYS A 55 -6.78 -3.93 -0.91
CA CYS A 55 -5.79 -2.92 -0.52
C CYS A 55 -5.75 -2.71 1.00
N SER A 56 -6.94 -2.59 1.58
CA SER A 56 -7.11 -2.41 3.01
C SER A 56 -6.54 -3.56 3.86
N LEU A 57 -6.81 -4.80 3.48
CA LEU A 57 -6.31 -5.94 4.25
C LEU A 57 -4.81 -6.12 4.09
N VAL A 58 -4.33 -5.86 2.87
CA VAL A 58 -2.90 -5.75 2.61
C VAL A 58 -2.25 -4.81 3.63
N TYR A 59 -2.91 -3.69 3.94
CA TYR A 59 -2.37 -2.86 5.03
C TYR A 59 -2.66 -3.40 6.45
N VAL A 60 -3.63 -4.29 6.62
CA VAL A 60 -3.83 -4.89 7.97
C VAL A 60 -2.93 -6.07 8.41
N THR A 61 -2.79 -7.09 7.55
CA THR A 61 -2.09 -8.33 7.95
C THR A 61 -0.63 -8.23 8.44
N PRO A 62 0.17 -7.28 7.92
CA PRO A 62 1.52 -7.13 8.46
C PRO A 62 1.63 -6.98 9.98
N ILE A 63 0.58 -6.51 10.66
CA ILE A 63 0.58 -6.48 12.12
C ILE A 63 0.80 -7.90 12.66
N LEU A 64 -0.20 -8.76 12.52
CA LEU A 64 -0.13 -10.13 13.02
C LEU A 64 0.88 -10.93 12.21
N GLY A 65 0.91 -10.68 10.90
CA GLY A 65 1.79 -11.39 10.00
C GLY A 65 3.27 -11.12 10.23
N GLY A 66 3.64 -9.85 10.19
CA GLY A 66 5.02 -9.45 10.37
C GLY A 66 5.55 -9.73 11.75
N PHE A 67 4.64 -10.00 12.69
CA PHE A 67 5.00 -10.34 14.06
C PHE A 67 5.41 -11.80 14.18
N LEU A 68 4.85 -12.64 13.31
CA LEU A 68 5.15 -14.07 13.34
C LEU A 68 6.65 -14.29 13.19
N ALA A 69 7.31 -13.39 12.48
CA ALA A 69 8.77 -13.45 12.36
C ALA A 69 9.52 -12.75 13.49
N ASP A 70 8.83 -11.95 14.27
CA ASP A 70 9.47 -11.28 15.39
C ASP A 70 9.59 -12.23 16.57
N LYS A 71 8.65 -13.16 16.69
CA LYS A 71 8.61 -14.05 17.84
C LYS A 71 9.12 -15.46 17.58
N VAL A 72 8.35 -16.27 16.86
CA VAL A 72 8.72 -17.67 16.65
C VAL A 72 9.53 -17.92 15.37
N LEU A 73 8.95 -17.63 14.21
CA LEU A 73 9.71 -17.63 12.97
C LEU A 73 10.72 -16.49 13.05
N GLY A 74 11.76 -16.55 12.23
CA GLY A 74 12.73 -15.48 12.15
C GLY A 74 12.56 -14.73 10.85
N ASN A 75 13.30 -13.65 10.66
CA ASN A 75 13.15 -12.83 9.48
C ASN A 75 13.76 -13.46 8.23
N ARG A 76 14.46 -14.58 8.40
CA ARG A 76 14.87 -15.38 7.25
C ARG A 76 13.69 -16.16 6.66
N MET A 77 12.98 -16.90 7.51
CA MET A 77 11.95 -17.83 7.03
C MET A 77 10.65 -17.14 6.65
N ALA A 78 10.24 -16.15 7.42
CA ALA A 78 8.93 -15.55 7.17
C ALA A 78 8.91 -14.63 5.95
N VAL A 79 10.09 -14.22 5.49
CA VAL A 79 10.16 -13.50 4.23
C VAL A 79 10.08 -14.47 3.06
N MET A 80 10.78 -15.60 3.14
CA MET A 80 10.71 -16.59 2.07
C MET A 80 9.32 -17.22 2.03
N LEU A 81 8.66 -17.24 3.18
CA LEU A 81 7.29 -17.71 3.28
C LEU A 81 6.34 -16.67 2.71
N GLY A 82 6.53 -15.42 3.09
CA GLY A 82 5.75 -14.33 2.54
C GLY A 82 5.83 -14.32 1.02
N ALA A 83 7.04 -14.58 0.52
CA ALA A 83 7.31 -14.59 -0.92
C ALA A 83 6.72 -15.82 -1.63
N LEU A 84 6.73 -16.96 -0.95
CA LEU A 84 6.09 -18.15 -1.52
C LEU A 84 4.58 -17.96 -1.58
N LEU A 85 3.98 -17.53 -0.47
CA LEU A 85 2.55 -17.22 -0.41
C LEU A 85 2.18 -16.24 -1.50
N MET A 86 2.96 -15.19 -1.66
CA MET A 86 2.67 -14.22 -2.72
C MET A 86 2.81 -14.80 -4.15
N ALA A 87 3.80 -15.64 -4.37
CA ALA A 87 3.97 -16.27 -5.69
C ALA A 87 2.79 -17.19 -6.05
N ILE A 88 2.45 -18.11 -5.15
CA ILE A 88 1.33 -19.03 -5.37
C ILE A 88 0.01 -18.26 -5.49
N GLY A 89 -0.17 -17.23 -4.67
CA GLY A 89 -1.35 -16.39 -4.78
C GLY A 89 -1.45 -15.78 -6.16
N HIS A 90 -0.34 -15.22 -6.66
CA HIS A 90 -0.34 -14.61 -8.00
C HIS A 90 -0.63 -15.61 -9.10
N VAL A 91 -0.20 -16.86 -8.89
CA VAL A 91 -0.43 -17.92 -9.87
C VAL A 91 -1.88 -18.38 -9.89
N VAL A 92 -2.44 -18.63 -8.72
CA VAL A 92 -3.85 -18.99 -8.60
C VAL A 92 -4.71 -17.82 -9.09
N LEU A 93 -4.14 -16.61 -9.06
CA LEU A 93 -4.83 -15.41 -9.55
C LEU A 93 -4.84 -15.31 -11.06
N GLY A 94 -4.13 -16.21 -11.73
CA GLY A 94 -4.23 -16.32 -13.17
C GLY A 94 -5.34 -17.27 -13.57
N ALA A 95 -5.62 -18.24 -12.68
CA ALA A 95 -6.62 -19.27 -12.93
C ALA A 95 -7.98 -18.84 -12.43
N SER A 96 -8.07 -17.58 -12.01
CA SER A 96 -9.27 -17.04 -11.37
C SER A 96 -10.56 -17.18 -12.18
N GLU A 97 -10.46 -17.31 -13.50
CA GLU A 97 -11.64 -17.34 -14.38
C GLU A 97 -12.57 -18.54 -14.20
N ILE A 98 -12.14 -19.50 -13.39
CA ILE A 98 -13.00 -20.63 -13.02
C ILE A 98 -13.57 -20.38 -11.63
N HIS A 99 -14.88 -20.21 -11.54
CA HIS A 99 -15.60 -20.11 -10.26
C HIS A 99 -15.29 -18.84 -9.48
N PRO A 100 -16.23 -18.41 -8.62
CA PRO A 100 -15.97 -17.31 -7.68
C PRO A 100 -15.30 -17.87 -6.45
N SER A 101 -14.23 -18.63 -6.65
CA SER A 101 -13.49 -19.26 -5.58
C SER A 101 -12.05 -18.83 -5.71
N PHE A 102 -11.44 -19.19 -6.84
CA PHE A 102 -10.03 -18.93 -7.11
C PHE A 102 -9.66 -17.45 -6.93
N LEU A 103 -10.67 -16.59 -7.01
CA LEU A 103 -10.44 -15.17 -6.86
C LEU A 103 -10.06 -14.87 -5.42
N TYR A 104 -11.01 -15.12 -4.51
CA TYR A 104 -10.81 -14.85 -3.09
C TYR A 104 -9.73 -15.74 -2.49
N LEU A 105 -9.55 -16.92 -3.08
CA LEU A 105 -8.40 -17.76 -2.78
C LEU A 105 -7.11 -16.98 -3.01
N SER A 106 -6.85 -16.65 -4.28
CA SER A 106 -5.64 -15.92 -4.68
C SER A 106 -5.40 -14.65 -3.87
N LEU A 107 -6.45 -13.85 -3.74
CA LEU A 107 -6.35 -12.61 -3.00
C LEU A 107 -6.00 -12.85 -1.53
N ALA A 108 -6.56 -13.89 -0.91
CA ALA A 108 -6.21 -14.19 0.48
C ALA A 108 -4.78 -14.73 0.64
N ILE A 109 -4.36 -15.53 -0.34
CA ILE A 109 -2.99 -16.04 -0.33
C ILE A 109 -2.01 -14.87 -0.40
N ILE A 110 -2.26 -13.91 -1.29
CA ILE A 110 -1.38 -12.75 -1.44
C ILE A 110 -1.48 -11.74 -0.29
N VAL A 111 -2.66 -11.55 0.27
CA VAL A 111 -2.77 -10.71 1.47
C VAL A 111 -1.99 -11.33 2.63
N CYS A 112 -1.99 -12.66 2.70
CA CYS A 112 -1.23 -13.36 3.73
C CYS A 112 0.28 -13.23 3.47
N GLY A 113 0.69 -13.50 2.24
CA GLY A 113 2.07 -13.37 1.83
C GLY A 113 2.64 -11.99 2.09
N TYR A 114 1.96 -10.98 1.54
CA TYR A 114 2.34 -9.59 1.76
C TYR A 114 2.34 -9.25 3.25
N GLY A 115 1.35 -9.79 3.95
CA GLY A 115 1.24 -9.65 5.39
C GLY A 115 2.54 -10.01 6.10
N LEU A 116 3.10 -11.16 5.78
CA LEU A 116 4.44 -11.49 6.24
C LEU A 116 5.49 -10.49 5.76
N PHE A 117 5.68 -10.55 4.44
CA PHE A 117 6.79 -9.93 3.74
C PHE A 117 7.07 -8.45 4.01
N LYS A 118 6.04 -7.63 4.24
CA LYS A 118 6.31 -6.19 4.40
C LYS A 118 7.26 -5.85 5.57
N SER A 119 6.74 -5.99 6.78
CA SER A 119 7.53 -5.72 7.97
C SER A 119 8.63 -6.78 8.15
N ASN A 120 8.40 -8.00 7.66
CA ASN A 120 9.46 -9.00 7.76
C ASN A 120 10.72 -8.66 6.96
N VAL A 121 10.55 -8.15 5.74
CA VAL A 121 11.71 -7.76 4.94
C VAL A 121 12.34 -6.49 5.49
N SER A 122 11.53 -5.57 6.01
CA SER A 122 12.16 -4.40 6.60
C SER A 122 13.04 -4.79 7.80
N CYS A 123 12.48 -5.57 8.72
CA CYS A 123 13.26 -6.04 9.87
C CYS A 123 14.44 -6.93 9.46
N LEU A 124 14.28 -7.64 8.34
CA LEU A 124 15.35 -8.52 7.84
C LEU A 124 16.56 -7.74 7.34
N LEU A 125 16.34 -6.70 6.55
CA LEU A 125 17.47 -5.85 6.17
C LEU A 125 18.03 -5.21 7.45
N GLY A 126 17.10 -4.85 8.34
CA GLY A 126 17.47 -4.29 9.63
C GLY A 126 18.37 -5.17 10.46
N GLU A 127 18.37 -6.48 10.18
CA GLU A 127 19.22 -7.42 10.94
C GLU A 127 20.61 -7.67 10.33
N LEU A 128 20.93 -6.98 9.24
CA LEU A 128 22.19 -7.20 8.54
C LEU A 128 23.36 -6.36 9.09
N TYR A 129 23.23 -5.03 8.99
CA TYR A 129 24.28 -4.11 9.42
C TYR A 129 24.34 -3.92 10.94
N GLU A 130 25.51 -3.55 11.44
CA GLU A 130 25.71 -3.25 12.86
C GLU A 130 25.33 -1.80 13.12
N PRO A 131 25.37 -1.35 14.39
CA PRO A 131 25.18 0.08 14.63
C PRO A 131 26.51 0.84 14.50
N THR A 132 27.21 0.54 13.40
CA THR A 132 28.40 1.26 12.97
C THR A 132 28.23 1.66 11.51
N ASP A 133 27.96 0.66 10.66
CA ASP A 133 27.99 0.81 9.20
C ASP A 133 27.30 2.08 8.74
N PRO A 134 27.99 2.87 7.90
CA PRO A 134 27.41 4.00 7.16
C PRO A 134 26.51 3.52 6.01
N ARG A 135 26.86 2.36 5.47
CA ARG A 135 26.24 1.83 4.25
C ARG A 135 24.82 1.36 4.51
N ARG A 136 24.44 1.34 5.77
CA ARG A 136 23.09 0.99 6.22
C ARG A 136 22.05 1.89 5.55
N ASP A 137 22.26 3.20 5.70
CA ASP A 137 21.37 4.20 5.14
C ASP A 137 21.31 4.14 3.62
N GLY A 138 22.46 3.89 2.99
CA GLY A 138 22.54 3.77 1.54
C GLY A 138 21.81 2.52 1.07
N GLY A 139 21.76 1.52 1.93
CA GLY A 139 21.05 0.28 1.63
C GLY A 139 19.55 0.43 1.73
N PHE A 140 19.10 1.16 2.75
CA PHE A 140 17.67 1.43 2.89
C PHE A 140 17.15 2.43 1.85
N SER A 141 18.00 3.39 1.46
CA SER A 141 17.67 4.28 0.35
C SER A 141 17.73 3.54 -0.98
N LEU A 142 18.55 2.49 -1.04
CA LEU A 142 18.49 1.55 -2.16
C LEU A 142 17.20 0.75 -2.15
N MET A 143 16.64 0.55 -0.96
CA MET A 143 15.34 -0.10 -0.83
C MET A 143 14.24 0.82 -1.38
N TYR A 144 14.26 2.09 -0.94
CA TYR A 144 13.39 3.15 -1.46
C TYR A 144 13.41 3.10 -2.97
N ALA A 145 14.57 3.42 -3.53
CA ALA A 145 14.71 3.62 -4.96
C ALA A 145 14.46 2.35 -5.78
N ALA A 146 14.94 1.20 -5.31
CA ALA A 146 14.72 -0.04 -6.05
C ALA A 146 13.23 -0.34 -6.12
N GLY A 147 12.60 -0.32 -4.95
CA GLY A 147 11.17 -0.55 -4.89
C GLY A 147 10.38 0.36 -5.81
N ASN A 148 10.68 1.65 -5.76
CA ASN A 148 9.98 2.61 -6.61
C ASN A 148 10.28 2.45 -8.10
N VAL A 149 11.47 1.94 -8.43
CA VAL A 149 11.82 1.66 -9.82
C VAL A 149 10.97 0.52 -10.34
N GLY A 150 10.84 -0.53 -9.51
CA GLY A 150 9.92 -1.61 -9.82
C GLY A 150 8.49 -1.10 -9.94
N SER A 151 8.20 -0.04 -9.21
CA SER A 151 6.87 0.60 -9.22
C SER A 151 6.56 1.34 -10.53
N ILE A 152 7.53 2.03 -11.11
CA ILE A 152 7.30 2.65 -12.41
C ILE A 152 7.33 1.59 -13.52
N ILE A 153 8.21 0.61 -13.37
CA ILE A 153 8.39 -0.42 -14.39
C ILE A 153 7.18 -1.35 -14.51
N ALA A 154 6.61 -1.73 -13.38
CA ALA A 154 5.58 -2.78 -13.34
C ALA A 154 4.32 -2.57 -14.18
N PRO A 155 3.57 -1.47 -13.96
CA PRO A 155 2.28 -1.36 -14.65
C PRO A 155 2.43 -1.24 -16.16
N ILE A 156 3.60 -0.81 -16.63
CA ILE A 156 3.90 -0.77 -18.06
C ILE A 156 4.28 -2.16 -18.55
N ALA A 157 4.82 -2.99 -17.67
CA ALA A 157 5.16 -4.36 -18.03
C ALA A 157 3.95 -5.30 -18.03
N CYS A 158 3.14 -5.25 -16.98
CA CYS A 158 1.92 -6.03 -16.95
C CYS A 158 0.91 -5.50 -17.96
N GLY A 159 0.99 -4.21 -18.24
CA GLY A 159 0.09 -3.56 -19.19
C GLY A 159 0.25 -4.02 -20.62
N TYR A 160 1.47 -3.90 -21.15
CA TYR A 160 1.78 -4.30 -22.52
C TYR A 160 1.69 -5.82 -22.65
N ALA A 161 1.70 -6.50 -21.50
CA ALA A 161 1.56 -7.95 -21.46
C ALA A 161 0.10 -8.36 -21.62
N GLN A 162 -0.80 -7.61 -20.98
CA GLN A 162 -2.22 -7.89 -21.07
C GLN A 162 -2.84 -7.82 -22.49
N GLU A 163 -2.98 -6.61 -23.02
CA GLU A 163 -3.87 -6.39 -24.16
C GLU A 163 -3.41 -7.01 -25.48
N GLU A 164 -2.10 -7.09 -25.68
CA GLU A 164 -1.58 -7.68 -26.91
C GLU A 164 -1.33 -9.18 -26.75
N TYR A 165 -1.58 -9.70 -25.54
CA TYR A 165 -1.66 -11.14 -25.32
C TYR A 165 -3.00 -11.56 -24.69
N SER A 166 -3.11 -11.35 -23.37
CA SER A 166 -4.29 -11.69 -22.57
C SER A 166 -4.04 -11.34 -21.10
N TRP A 167 -5.09 -11.38 -20.28
CA TRP A 167 -4.95 -11.10 -18.85
C TRP A 167 -4.06 -12.16 -18.22
N ALA A 168 -4.09 -13.34 -18.82
CA ALA A 168 -3.28 -14.47 -18.37
C ALA A 168 -1.79 -14.11 -18.33
N MET A 169 -1.25 -13.69 -19.47
CA MET A 169 0.16 -13.31 -19.55
C MET A 169 0.49 -12.21 -18.56
N GLY A 170 -0.46 -11.30 -18.32
CA GLY A 170 -0.25 -10.22 -17.37
C GLY A 170 -0.09 -10.69 -15.93
N PHE A 171 -1.10 -11.38 -15.42
CA PHE A 171 -1.07 -11.81 -14.02
C PHE A 171 0.00 -12.88 -13.77
N GLY A 172 0.25 -13.69 -14.80
CA GLY A 172 1.29 -14.69 -14.75
C GLY A 172 2.67 -14.07 -14.91
N LEU A 173 2.72 -12.84 -15.42
CA LEU A 173 3.95 -12.07 -15.49
C LEU A 173 4.22 -11.50 -14.12
N ALA A 174 3.15 -11.19 -13.40
CA ALA A 174 3.27 -10.79 -12.01
C ALA A 174 3.83 -11.96 -11.20
N ALA A 175 3.17 -13.11 -11.35
CA ALA A 175 3.64 -14.34 -10.72
C ALA A 175 5.10 -14.68 -11.09
N VAL A 176 5.46 -14.52 -12.36
CA VAL A 176 6.82 -14.82 -12.85
C VAL A 176 7.84 -13.83 -12.30
N GLY A 177 7.46 -12.57 -12.21
CA GLY A 177 8.30 -11.56 -11.61
C GLY A 177 8.61 -11.95 -10.17
N MET A 178 7.56 -12.31 -9.43
CA MET A 178 7.74 -12.73 -8.04
C MET A 178 8.59 -13.99 -7.95
N ILE A 179 8.44 -14.85 -8.95
CA ILE A 179 9.20 -16.08 -9.01
C ILE A 179 10.68 -15.80 -9.21
N ALA A 180 10.99 -14.84 -10.07
CA ALA A 180 12.37 -14.46 -10.33
C ALA A 180 12.97 -13.75 -9.12
N GLY A 181 12.18 -12.93 -8.45
CA GLY A 181 12.63 -12.30 -7.22
C GLY A 181 12.92 -13.35 -6.17
N LEU A 182 12.08 -14.38 -6.13
CA LEU A 182 12.24 -15.47 -5.18
C LEU A 182 13.47 -16.31 -5.50
N VAL A 183 13.70 -16.57 -6.78
CA VAL A 183 14.88 -17.31 -7.22
C VAL A 183 16.11 -16.53 -6.79
N ILE A 184 16.06 -15.22 -7.03
CA ILE A 184 17.15 -14.32 -6.65
C ILE A 184 17.44 -14.34 -5.15
N PHE A 185 16.39 -14.36 -4.34
CA PHE A 185 16.61 -14.40 -2.89
C PHE A 185 17.09 -15.77 -2.42
N LEU A 186 16.25 -16.79 -2.59
CA LEU A 186 16.56 -18.14 -2.15
C LEU A 186 17.88 -18.70 -2.67
N CYS A 187 18.34 -18.23 -3.83
CA CYS A 187 19.67 -18.59 -4.28
C CYS A 187 20.66 -18.11 -3.23
N GLY A 188 21.45 -19.02 -2.72
CA GLY A 188 22.47 -18.66 -1.75
C GLY A 188 22.01 -18.40 -0.32
N ASN A 189 22.84 -17.66 0.39
CA ASN A 189 22.87 -17.63 1.85
C ASN A 189 23.45 -16.30 2.33
N ARG A 190 23.92 -16.31 3.58
CA ARG A 190 24.56 -15.19 4.25
C ARG A 190 23.56 -14.28 4.92
N HIS A 191 22.29 -14.60 4.79
CA HIS A 191 21.26 -13.90 5.56
C HIS A 191 21.20 -14.52 6.95
N PHE A 192 20.38 -13.93 7.82
CA PHE A 192 20.42 -14.23 9.25
C PHE A 192 19.06 -14.04 9.90
N THR A 193 19.07 -13.90 11.23
CA THR A 193 17.89 -13.80 12.10
C THR A 193 17.38 -15.14 12.62
N HIS A 194 17.94 -16.23 12.09
CA HIS A 194 17.88 -17.53 12.76
C HIS A 194 16.52 -17.95 13.32
N THR A 195 15.62 -18.38 12.44
CA THR A 195 14.26 -18.72 12.83
C THR A 195 14.20 -19.98 13.71
N ARG A 196 13.73 -19.83 14.94
CA ARG A 196 13.63 -20.96 15.88
C ARG A 196 12.93 -20.68 17.22
N GLY A 197 12.97 -21.70 18.08
CA GLY A 197 12.59 -21.62 19.48
C GLY A 197 11.27 -22.26 19.89
N VAL A 198 10.34 -22.41 18.94
CA VAL A 198 9.09 -23.14 19.18
C VAL A 198 8.68 -23.93 17.94
N ARG A 204 9.17 -27.25 23.40
CA ARG A 204 9.04 -27.02 21.97
C ARG A 204 7.58 -27.00 21.51
N ALA A 205 6.67 -27.54 22.33
CA ALA A 205 5.31 -27.79 21.85
C ALA A 205 4.26 -26.76 22.27
N THR A 206 3.72 -26.85 23.49
CA THR A 206 2.42 -26.20 23.75
C THR A 206 2.41 -24.98 24.68
N ASN A 207 1.92 -23.85 24.17
CA ASN A 207 1.48 -22.76 25.02
C ASN A 207 0.13 -23.22 25.60
N PHE A 208 -0.88 -23.27 24.73
CA PHE A 208 -2.00 -24.16 24.94
C PHE A 208 -2.15 -24.94 23.65
N LEU A 209 -1.78 -26.22 23.69
CA LEU A 209 -1.81 -27.10 22.52
C LEU A 209 -1.23 -26.41 21.28
N LEU A 210 -0.03 -25.85 21.39
CA LEU A 210 0.50 -25.01 20.29
C LEU A 210 1.86 -25.43 19.72
N PRO A 211 1.99 -26.69 19.27
CA PRO A 211 3.15 -27.04 18.44
C PRO A 211 2.90 -26.57 17.02
N ASN A 212 3.68 -27.07 16.08
CA ASN A 212 3.54 -26.71 14.68
C ASN A 212 2.11 -26.79 14.15
N TRP A 213 1.28 -27.65 14.75
CA TRP A 213 -0.13 -27.76 14.38
C TRP A 213 -0.77 -26.37 14.44
N GLY A 214 -0.40 -25.60 15.47
CA GLY A 214 -0.91 -24.26 15.65
C GLY A 214 -0.52 -23.31 14.53
N TRP A 215 0.67 -23.50 13.96
CA TRP A 215 1.14 -22.65 12.85
C TRP A 215 0.59 -23.06 11.48
N LEU A 216 0.40 -24.36 11.28
CA LEU A 216 -0.28 -24.87 10.09
C LEU A 216 -1.68 -24.28 10.08
N LEU A 217 -2.38 -24.52 11.19
CA LEU A 217 -3.69 -23.94 11.41
C LEU A 217 -3.66 -22.46 11.18
N VAL A 218 -2.67 -21.77 11.73
CA VAL A 218 -2.60 -20.32 11.57
C VAL A 218 -2.53 -19.89 10.10
N LEU A 219 -1.64 -20.49 9.33
CA LEU A 219 -1.53 -20.07 7.93
C LEU A 219 -2.75 -20.47 7.11
N LEU A 220 -3.07 -21.77 7.14
CA LEU A 220 -4.25 -22.27 6.44
C LEU A 220 -5.47 -21.44 6.84
N VAL A 221 -5.93 -21.58 8.08
CA VAL A 221 -7.11 -20.88 8.57
C VAL A 221 -7.10 -19.35 8.43
N ALA A 222 -5.92 -18.72 8.51
CA ALA A 222 -5.86 -17.30 8.19
C ALA A 222 -6.28 -17.12 6.74
N THR A 223 -5.89 -18.05 5.87
CA THR A 223 -6.29 -17.91 4.46
C THR A 223 -7.83 -17.87 4.15
N PRO A 224 -8.62 -18.95 4.47
CA PRO A 224 -10.06 -18.75 4.29
C PRO A 224 -10.75 -17.73 5.19
N ALA A 225 -10.17 -17.39 6.34
CA ALA A 225 -10.73 -16.30 7.14
C ALA A 225 -10.64 -15.04 6.31
N LEU A 226 -9.60 -14.97 5.48
CA LEU A 226 -9.45 -13.90 4.49
C LEU A 226 -10.22 -14.14 3.19
N ILE A 227 -10.33 -15.40 2.76
CA ILE A 227 -11.04 -15.73 1.51
C ILE A 227 -12.49 -15.29 1.54
N THR A 228 -13.21 -15.73 2.57
CA THR A 228 -14.63 -15.45 2.66
C THR A 228 -14.91 -13.99 3.04
N ILE A 229 -13.91 -13.31 3.56
CA ILE A 229 -14.04 -11.89 3.88
C ILE A 229 -14.04 -11.05 2.60
N LEU A 230 -13.24 -11.46 1.63
CA LEU A 230 -13.27 -10.86 0.32
C LEU A 230 -14.44 -11.46 -0.47
N PHE A 231 -14.78 -12.72 -0.14
CA PHE A 231 -15.89 -13.45 -0.78
C PHE A 231 -17.27 -12.91 -0.38
N TRP A 232 -17.58 -12.86 0.91
CA TRP A 232 -18.84 -12.27 1.36
C TRP A 232 -18.74 -10.76 1.21
N LYS A 233 -17.58 -10.20 1.54
CA LYS A 233 -17.27 -8.78 1.32
C LYS A 233 -18.13 -7.82 2.15
N GLU A 234 -19.21 -8.34 2.72
CA GLU A 234 -19.97 -7.61 3.71
C GLU A 234 -19.09 -7.70 4.93
N TRP A 235 -18.62 -8.92 5.17
CA TRP A 235 -17.78 -9.23 6.30
C TRP A 235 -16.50 -8.41 6.24
N SER A 236 -16.04 -8.14 5.03
CA SER A 236 -14.83 -7.34 4.78
C SER A 236 -14.80 -6.05 5.61
N VAL A 237 -15.79 -5.20 5.39
CA VAL A 237 -15.95 -3.97 6.14
C VAL A 237 -15.83 -4.20 7.65
N TYR A 238 -16.49 -5.25 8.14
CA TYR A 238 -16.62 -5.43 9.59
C TYR A 238 -15.34 -5.87 10.30
N ALA A 239 -14.56 -6.75 9.67
CA ALA A 239 -13.30 -7.23 10.26
C ALA A 239 -12.36 -6.06 10.54
N LEU A 240 -12.47 -5.01 9.73
CA LEU A 240 -11.73 -3.79 9.97
C LEU A 240 -12.26 -3.14 11.22
N ILE A 241 -13.58 -3.08 11.35
CA ILE A 241 -14.21 -2.53 12.55
C ILE A 241 -13.76 -3.27 13.82
N VAL A 242 -13.57 -4.58 13.71
CA VAL A 242 -12.97 -5.36 14.79
C VAL A 242 -11.58 -4.79 15.10
N ALA A 243 -10.70 -4.91 14.10
CA ALA A 243 -9.33 -4.43 14.19
C ALA A 243 -9.28 -2.96 14.63
N THR A 244 -10.35 -2.23 14.32
CA THR A 244 -10.48 -0.82 14.69
C THR A 244 -10.76 -0.59 16.17
N ILE A 245 -11.74 -1.30 16.73
CA ILE A 245 -12.00 -1.18 18.16
C ILE A 245 -10.77 -1.66 18.91
N ILE A 246 -10.06 -2.63 18.32
CA ILE A 246 -8.79 -3.11 18.89
C ILE A 246 -7.74 -1.99 18.97
N GLY A 247 -7.39 -1.42 17.81
CA GLY A 247 -6.40 -0.36 17.73
C GLY A 247 -6.75 0.84 18.58
N LEU A 248 -8.03 1.19 18.64
CA LEU A 248 -8.47 2.34 19.42
C LEU A 248 -8.41 2.09 20.93
N GLY A 249 -8.76 0.87 21.33
CA GLY A 249 -8.70 0.49 22.73
C GLY A 249 -7.25 0.50 23.19
N VAL A 250 -6.37 0.02 22.32
CA VAL A 250 -4.94 0.02 22.61
C VAL A 250 -4.34 1.43 22.68
N LEU A 251 -4.65 2.28 21.69
CA LEU A 251 -4.26 3.69 21.71
C LEU A 251 -4.69 4.33 23.03
N ALA A 252 -5.96 4.08 23.37
CA ALA A 252 -6.51 4.50 24.65
C ALA A 252 -5.66 4.03 25.85
N LYS A 253 -5.16 2.79 25.77
CA LYS A 253 -4.29 2.30 26.86
C LYS A 253 -2.96 3.06 26.91
N ILE A 254 -2.41 3.34 25.73
CA ILE A 254 -1.18 4.11 25.58
C ILE A 254 -1.34 5.48 26.22
N TYR A 255 -2.56 6.00 26.24
CA TYR A 255 -2.81 7.22 27.01
C TYR A 255 -2.51 7.08 28.53
N GLU A 259 -0.08 5.69 29.52
CA GLU A 259 0.80 6.11 30.60
C GLU A 259 0.82 7.63 30.80
N ASN A 260 1.50 8.09 31.84
CA ASN A 260 1.52 9.51 32.21
C ASN A 260 2.61 10.31 31.50
N GLN A 261 3.85 10.19 31.97
CA GLN A 261 5.01 10.77 31.28
C GLN A 261 5.11 12.29 31.22
N LYS A 262 4.12 12.99 31.80
CA LYS A 262 3.91 14.41 31.54
C LYS A 262 3.53 14.64 30.07
N GLN A 263 4.29 15.48 29.36
CA GLN A 263 3.86 15.92 28.04
C GLN A 263 3.84 14.81 27.00
N ARG A 264 2.67 14.65 26.38
CA ARG A 264 2.43 13.65 25.35
C ARG A 264 1.22 14.05 24.49
N GLU A 266 3.13 15.02 22.43
CA GLU A 266 2.89 14.95 21.00
C GLU A 266 1.90 13.86 20.58
N LEU A 267 1.35 13.13 21.55
CA LEU A 267 0.42 12.02 21.26
C LEU A 267 -0.80 12.40 20.43
N GLY A 268 -1.72 13.15 21.04
CA GLY A 268 -2.97 13.50 20.39
C GLY A 268 -2.80 14.29 19.11
N LEU A 269 -1.67 14.98 19.00
CA LEU A 269 -1.36 15.70 17.77
C LEU A 269 -0.82 14.70 16.74
N ILE A 270 -0.31 13.56 17.21
CA ILE A 270 -0.04 12.46 16.29
C ILE A 270 -1.35 11.77 15.87
N VAL A 271 -2.32 11.74 16.76
CA VAL A 271 -3.66 11.31 16.38
C VAL A 271 -4.13 12.23 15.26
N THR A 272 -4.01 13.54 15.47
CA THR A 272 -4.30 14.55 14.43
C THR A 272 -3.61 14.18 13.13
N LEU A 273 -2.34 13.78 13.24
CA LEU A 273 -1.57 13.39 12.08
C LEU A 273 -2.21 12.21 11.36
N THR A 274 -2.48 11.13 12.09
CA THR A 274 -2.98 9.92 11.46
C THR A 274 -4.40 10.10 10.91
N PHE A 275 -5.11 11.10 11.42
CA PHE A 275 -6.41 11.49 10.90
C PHE A 275 -6.24 12.16 9.53
N PHE A 276 -5.52 13.29 9.49
CA PHE A 276 -5.30 13.96 8.21
C PHE A 276 -4.61 13.09 7.14
N SER A 277 -3.73 12.19 7.57
CA SER A 277 -3.11 11.25 6.63
C SER A 277 -4.10 10.15 6.18
N MET A 278 -5.03 9.78 7.07
CA MET A 278 -6.12 8.87 6.68
C MET A 278 -6.94 9.47 5.54
N LEU A 279 -7.48 10.68 5.76
CA LEU A 279 -8.28 11.35 4.71
C LEU A 279 -7.47 11.46 3.42
N PHE A 280 -6.21 11.82 3.60
CA PHE A 280 -5.27 11.86 2.48
C PHE A 280 -5.28 10.56 1.65
N TRP A 281 -5.01 9.44 2.33
CA TRP A 281 -4.85 8.17 1.63
C TRP A 281 -6.15 7.63 1.06
N ALA A 282 -7.27 8.03 1.65
CA ALA A 282 -8.59 7.75 1.08
C ALA A 282 -8.62 8.37 -0.30
N PHE A 283 -8.32 9.67 -0.38
CA PHE A 283 -8.27 10.35 -1.67
C PHE A 283 -7.27 9.71 -2.64
N ALA A 284 -6.11 9.28 -2.13
CA ALA A 284 -5.04 8.78 -2.99
C ALA A 284 -5.34 7.40 -3.60
N GLN A 285 -5.78 6.48 -2.75
CA GLN A 285 -6.14 5.14 -3.21
C GLN A 285 -7.38 5.15 -4.11
N GLN A 286 -8.41 5.87 -3.66
CA GLN A 286 -9.64 6.00 -4.46
C GLN A 286 -9.30 6.66 -5.79
N GLY A 287 -8.30 7.53 -5.75
CA GLY A 287 -7.75 8.07 -6.97
C GLY A 287 -7.29 6.91 -7.81
N GLY A 288 -6.50 6.02 -7.23
CA GLY A 288 -5.96 4.88 -7.96
C GLY A 288 -7.01 4.07 -8.71
N SER A 289 -8.05 3.63 -7.99
CA SER A 289 -9.15 2.86 -8.57
C SER A 289 -10.18 3.61 -9.47
N SER A 290 -10.78 4.68 -8.93
CA SER A 290 -11.79 5.45 -9.66
C SER A 290 -11.22 6.05 -10.91
N ILE A 291 -10.00 6.55 -10.81
CA ILE A 291 -9.36 7.09 -12.01
C ILE A 291 -8.94 5.92 -12.91
N SER A 292 -8.55 4.78 -12.33
CA SER A 292 -8.25 3.61 -13.15
C SER A 292 -9.39 3.21 -14.08
N LEU A 293 -10.63 3.21 -13.56
CA LEU A 293 -11.79 2.90 -14.41
C LEU A 293 -12.18 4.07 -15.29
N TYR A 294 -12.26 5.25 -14.69
CA TYR A 294 -12.61 6.47 -15.42
C TYR A 294 -11.80 6.57 -16.70
N ILE A 295 -10.51 6.30 -16.58
CA ILE A 295 -9.55 6.45 -17.68
C ILE A 295 -10.05 5.86 -19.01
N ASP A 296 -10.23 4.54 -19.09
CA ASP A 296 -10.52 3.90 -20.39
C ASP A 296 -11.90 4.26 -20.94
N ARG A 297 -12.73 4.78 -20.05
CA ARG A 297 -14.07 5.23 -20.41
C ARG A 297 -14.05 6.61 -21.04
N PHE A 298 -13.19 7.50 -20.55
CA PHE A 298 -13.00 8.80 -21.19
C PHE A 298 -11.50 9.11 -21.40
N VAL A 299 -11.10 9.12 -22.66
CA VAL A 299 -9.70 9.32 -23.07
C VAL A 299 -9.64 10.22 -24.30
N ASN A 300 -8.83 11.28 -24.22
CA ASN A 300 -8.70 12.23 -25.33
C ASN A 300 -8.02 11.58 -26.54
N THR A 307 1.81 1.55 -28.15
CA THR A 307 0.97 2.49 -27.41
C THR A 307 -0.16 1.74 -26.71
N VAL A 308 -0.16 1.78 -25.38
CA VAL A 308 -1.21 1.12 -24.60
C VAL A 308 -1.83 2.06 -23.57
N PRO A 309 -3.17 2.02 -23.45
CA PRO A 309 -3.96 2.78 -22.47
C PRO A 309 -4.11 2.08 -21.11
N THR A 310 -5.01 2.61 -20.29
CA THR A 310 -5.45 2.01 -19.03
C THR A 310 -4.40 1.89 -17.91
N ALA A 311 -4.13 0.65 -17.51
CA ALA A 311 -3.37 0.35 -16.28
C ALA A 311 -1.96 0.95 -16.26
N MET A 312 -1.51 1.48 -17.38
CA MET A 312 -0.18 2.05 -17.45
C MET A 312 -0.11 3.46 -16.85
N PHE A 313 -1.20 3.96 -16.29
CA PHE A 313 -1.20 5.27 -15.64
C PHE A 313 -0.72 5.27 -14.18
N GLN A 314 -0.79 4.10 -13.55
CA GLN A 314 -0.23 3.93 -12.22
C GLN A 314 1.30 4.13 -12.30
N SER A 315 1.85 3.92 -13.50
CA SER A 315 3.25 4.20 -13.79
C SER A 315 3.58 5.69 -13.77
N ILE A 316 2.62 6.54 -14.13
CA ILE A 316 2.83 7.98 -13.96
C ILE A 316 2.67 8.41 -12.50
N ASN A 317 1.87 7.67 -11.72
CA ASN A 317 1.95 7.89 -10.26
C ASN A 317 3.36 7.63 -9.72
N ALA A 318 3.84 6.40 -9.94
CA ALA A 318 5.17 6.00 -9.48
C ALA A 318 6.27 6.93 -9.99
N PHE A 319 6.15 7.33 -11.26
CA PHE A 319 7.14 8.20 -11.89
C PHE A 319 7.14 9.64 -11.36
N ALA A 320 5.97 10.17 -11.05
CA ALA A 320 5.91 11.50 -10.43
C ALA A 320 6.50 11.42 -9.03
N VAL A 321 6.21 10.33 -8.33
CA VAL A 321 6.78 10.09 -7.01
C VAL A 321 8.32 10.04 -7.04
N MET A 322 8.87 9.36 -8.04
CA MET A 322 10.33 9.28 -8.20
C MET A 322 10.94 10.62 -8.55
N LEU A 323 10.31 11.36 -9.46
CA LEU A 323 10.81 12.68 -9.81
C LEU A 323 10.89 13.55 -8.54
N CYS A 324 9.76 13.65 -7.85
CA CYS A 324 9.67 14.46 -6.66
C CYS A 324 10.63 14.01 -5.55
N GLY A 325 10.89 12.70 -5.47
CA GLY A 325 11.78 12.16 -4.46
C GLY A 325 13.25 12.45 -4.74
N VAL A 326 13.61 12.25 -6.00
CA VAL A 326 14.92 12.62 -6.51
C VAL A 326 15.21 14.07 -6.19
N PHE A 327 14.22 14.94 -6.40
CA PHE A 327 14.42 16.34 -6.07
C PHE A 327 14.38 16.61 -4.57
N LEU A 328 13.71 15.72 -3.82
CA LEU A 328 13.59 15.87 -2.36
C LEU A 328 14.91 15.62 -1.63
N ALA A 329 15.53 14.48 -1.90
CA ALA A 329 16.81 14.14 -1.28
C ALA A 329 17.91 15.04 -1.83
N TRP A 330 17.60 15.70 -2.94
CA TRP A 330 18.52 16.61 -3.60
C TRP A 330 18.54 18.01 -2.96
N VAL A 331 17.50 18.34 -2.19
CA VAL A 331 17.35 19.68 -1.63
C VAL A 331 18.16 20.00 -0.36
N VAL A 332 18.13 19.10 0.63
CA VAL A 332 18.72 19.41 1.92
C VAL A 332 20.25 19.46 1.87
N ASN A 339 12.87 21.79 14.58
CA ASN A 339 11.51 22.26 14.85
C ASN A 339 10.44 21.23 14.50
N ARG A 340 9.60 20.92 15.49
CA ARG A 340 8.46 20.05 15.28
C ARG A 340 7.23 20.87 14.94
N THR A 341 7.40 22.18 14.83
CA THR A 341 6.30 23.06 14.50
C THR A 341 6.27 23.38 13.02
N VAL A 342 7.20 24.23 12.58
CA VAL A 342 7.23 24.69 11.20
C VAL A 342 7.32 23.51 10.23
N ARG A 343 8.06 22.48 10.64
CA ARG A 343 8.24 21.32 9.78
C ARG A 343 6.92 20.65 9.40
N ILE A 344 6.21 20.16 10.41
CA ILE A 344 4.97 19.40 10.20
C ILE A 344 3.84 20.20 9.54
N TRP A 345 3.72 21.47 9.97
CA TRP A 345 2.87 22.50 9.39
C TRP A 345 2.96 22.44 7.87
N GLY A 346 4.11 22.85 7.36
CA GLY A 346 4.37 22.93 5.94
C GLY A 346 4.23 21.59 5.26
N LYS A 347 4.76 20.52 5.88
CA LYS A 347 4.74 19.21 5.24
C LYS A 347 3.31 18.70 4.95
N PHE A 348 2.47 18.72 5.99
CA PHE A 348 1.09 18.28 5.85
C PHE A 348 0.28 19.22 4.97
N ALA A 349 0.40 20.53 5.20
CA ALA A 349 -0.33 21.47 4.35
C ALA A 349 0.06 21.38 2.86
N LEU A 350 1.30 21.01 2.56
CA LEU A 350 1.74 20.86 1.17
C LEU A 350 1.28 19.56 0.53
N GLY A 351 1.31 18.48 1.30
CA GLY A 351 0.82 17.20 0.81
C GLY A 351 -0.66 17.30 0.51
N LEU A 352 -1.43 17.77 1.48
CA LEU A 352 -2.87 17.98 1.30
C LEU A 352 -3.15 18.96 0.15
N GLY A 353 -2.42 20.08 0.15
CA GLY A 353 -2.55 21.10 -0.87
C GLY A 353 -2.39 20.58 -2.29
N LEU A 354 -1.39 19.74 -2.50
CA LEU A 354 -1.16 19.19 -3.84
C LEU A 354 -2.06 18.00 -4.17
N MET A 355 -2.62 17.32 -3.17
CA MET A 355 -3.64 16.31 -3.49
C MET A 355 -4.85 17.03 -4.03
N SER A 356 -5.23 18.07 -3.30
CA SER A 356 -6.33 18.94 -3.71
C SER A 356 -6.09 19.49 -5.11
N ALA A 357 -4.98 20.20 -5.29
CA ALA A 357 -4.66 20.80 -6.58
C ALA A 357 -4.64 19.76 -7.69
N GLY A 358 -4.08 18.59 -7.41
CA GLY A 358 -4.07 17.48 -8.35
C GLY A 358 -5.47 17.07 -8.77
N PHE A 359 -6.40 17.11 -7.83
CA PHE A 359 -7.78 16.78 -8.15
C PHE A 359 -8.52 17.94 -8.79
N CYS A 360 -8.00 19.16 -8.67
CA CYS A 360 -8.63 20.31 -9.34
C CYS A 360 -8.23 20.28 -10.80
N ILE A 361 -6.96 20.00 -11.03
CA ILE A 361 -6.45 19.89 -12.38
C ILE A 361 -6.98 18.61 -13.04
N LEU A 362 -7.24 17.59 -12.23
CA LEU A 362 -7.84 16.36 -12.75
C LEU A 362 -9.32 16.54 -13.07
N THR A 363 -10.06 17.21 -12.18
CA THR A 363 -11.48 17.43 -12.38
C THR A 363 -11.70 18.34 -13.58
N LEU A 364 -10.85 19.36 -13.72
CA LEU A 364 -10.92 20.20 -14.91
C LEU A 364 -10.36 19.50 -16.14
N SER A 365 -9.60 18.41 -15.94
CA SER A 365 -9.18 17.56 -17.07
C SER A 365 -10.35 16.78 -17.64
N ALA A 366 -11.18 16.23 -16.74
CA ALA A 366 -12.41 15.55 -17.15
C ALA A 366 -13.43 16.49 -17.78
N ARG A 367 -13.74 17.61 -17.12
CA ARG A 367 -14.74 18.50 -17.69
C ARG A 367 -14.29 19.36 -18.87
N TRP A 368 -12.97 19.55 -19.04
CA TRP A 368 -12.47 20.16 -20.29
C TRP A 368 -12.30 19.16 -21.43
N SER A 369 -11.95 17.91 -21.11
CA SER A 369 -11.82 16.88 -22.15
C SER A 369 -13.17 16.64 -22.80
N ALA A 370 -14.24 16.81 -22.04
CA ALA A 370 -15.58 16.48 -22.49
C ALA A 370 -16.51 17.67 -22.63
N MET A 371 -16.97 18.19 -21.49
CA MET A 371 -18.11 19.12 -21.42
C MET A 371 -18.05 20.28 -22.41
N TYR A 372 -16.94 21.00 -22.42
CA TYR A 372 -16.66 21.94 -23.51
C TYR A 372 -15.20 21.79 -23.94
N GLY A 373 -14.98 21.31 -25.17
CA GLY A 373 -13.62 21.03 -25.62
C GLY A 373 -13.03 22.18 -26.47
N LEU A 377 -7.64 13.58 -21.58
CA LEU A 377 -6.85 14.80 -21.68
C LEU A 377 -5.60 14.67 -20.81
N PRO A 378 -4.41 14.88 -21.39
CA PRO A 378 -3.12 14.81 -20.73
C PRO A 378 -3.02 15.61 -19.42
N LEU A 379 -3.88 16.60 -19.25
CA LEU A 379 -3.92 17.31 -17.98
C LEU A 379 -4.34 16.38 -16.86
N MET A 380 -4.92 15.23 -17.20
CA MET A 380 -5.28 14.23 -16.20
C MET A 380 -4.00 13.56 -15.71
N VAL A 381 -3.08 13.33 -16.65
CA VAL A 381 -1.76 12.80 -16.34
C VAL A 381 -1.09 13.75 -15.35
N LEU A 382 -1.24 15.05 -15.62
CA LEU A 382 -0.80 16.08 -14.69
C LEU A 382 -1.44 15.91 -13.30
N GLY A 383 -2.76 15.75 -13.25
CA GLY A 383 -3.46 15.57 -11.98
C GLY A 383 -2.89 14.44 -11.13
N LEU A 384 -2.63 13.32 -11.79
CA LEU A 384 -2.01 12.18 -11.12
C LEU A 384 -0.58 12.52 -10.67
N ALA A 385 0.18 13.15 -11.57
CA ALA A 385 1.58 13.53 -11.31
C ALA A 385 1.73 14.44 -10.09
N VAL A 386 0.74 15.31 -9.88
CA VAL A 386 0.71 16.17 -8.71
C VAL A 386 0.23 15.40 -7.47
N MET A 387 -0.64 14.41 -7.70
CA MET A 387 -1.05 13.51 -6.61
C MET A 387 0.15 12.71 -6.02
N GLY A 388 1.04 12.23 -6.89
CA GLY A 388 2.30 11.64 -6.45
C GLY A 388 3.28 12.67 -5.89
N PHE A 389 3.35 13.81 -6.59
CA PHE A 389 4.15 14.97 -6.20
C PHE A 389 3.97 15.28 -4.72
N ALA A 390 2.73 15.23 -4.24
CA ALA A 390 2.44 15.38 -2.80
C ALA A 390 2.59 14.09 -1.98
N GLU A 391 2.37 12.95 -2.64
CA GLU A 391 2.48 11.67 -1.95
C GLU A 391 3.83 11.62 -1.28
N LEU A 392 4.84 12.10 -2.01
CA LEU A 392 6.19 12.26 -1.48
C LEU A 392 6.21 13.04 -0.17
N PHE A 393 5.59 14.21 -0.20
CA PHE A 393 5.58 15.13 0.93
C PHE A 393 4.99 14.57 2.19
N ILE A 394 3.80 13.97 2.14
CA ILE A 394 3.40 13.46 3.45
C ILE A 394 2.85 12.04 3.66
N ASP A 395 3.76 11.16 4.07
CA ASP A 395 3.84 10.64 5.44
C ASP A 395 5.27 10.17 5.79
N PRO A 396 6.32 10.97 5.50
CA PRO A 396 7.55 10.68 6.24
C PRO A 396 7.41 11.23 7.64
N VAL A 397 6.59 12.28 7.73
CA VAL A 397 6.46 13.11 8.92
C VAL A 397 5.59 12.45 9.96
N ALA A 398 4.55 11.76 9.52
CA ALA A 398 3.77 10.96 10.42
C ALA A 398 4.67 9.85 10.98
N MET A 399 5.57 9.35 10.13
CA MET A 399 6.49 8.29 10.53
C MET A 399 7.74 8.75 11.30
N SER A 400 8.25 9.93 10.97
CA SER A 400 9.36 10.49 11.73
C SER A 400 8.88 10.76 13.14
N GLN A 401 7.71 11.37 13.26
CA GLN A 401 7.15 11.75 14.56
C GLN A 401 6.82 10.56 15.47
N ILE A 402 6.60 9.40 14.87
CA ILE A 402 6.29 8.18 15.63
C ILE A 402 7.54 7.53 16.22
N THR A 403 8.60 7.47 15.41
CA THR A 403 9.89 6.92 15.83
C THR A 403 10.51 7.78 16.92
N ARG A 404 10.10 9.05 16.93
CA ARG A 404 10.61 10.08 17.80
C ARG A 404 9.81 10.24 19.08
N ILE A 405 8.90 9.30 19.34
CA ILE A 405 7.86 9.52 20.35
C ILE A 405 8.41 9.57 21.80
N GLU A 406 7.52 9.84 22.75
CA GLU A 406 7.83 10.13 24.16
C GLU A 406 9.19 10.78 24.43
N VAL A 410 6.19 0.30 22.20
CA VAL A 410 6.51 1.71 22.40
C VAL A 410 6.50 2.46 21.08
N THR A 411 7.59 2.38 20.34
CA THR A 411 7.67 2.96 19.00
C THR A 411 7.10 2.04 17.92
N GLY A 412 7.48 0.76 17.98
CA GLY A 412 7.13 -0.19 16.94
C GLY A 412 5.65 -0.46 16.87
N VAL A 413 4.98 -0.23 18.00
CA VAL A 413 3.55 -0.44 18.09
C VAL A 413 2.77 0.74 17.54
N LEU A 414 3.24 1.93 17.88
CA LEU A 414 2.61 3.17 17.45
C LEU A 414 2.47 3.20 15.93
N THR A 415 3.52 2.76 15.25
CA THR A 415 3.52 2.72 13.80
C THR A 415 2.60 1.61 13.27
N GLY A 416 2.32 0.62 14.12
CA GLY A 416 1.35 -0.40 13.79
C GLY A 416 -0.08 0.14 13.78
N ILE A 417 -0.45 0.83 14.85
CA ILE A 417 -1.76 1.49 14.93
C ILE A 417 -1.90 2.49 13.80
N TYR A 418 -0.83 3.25 13.56
CA TYR A 418 -0.83 4.21 12.47
C TYR A 418 -1.07 3.53 11.15
N MET A 419 -0.36 2.44 10.88
CA MET A 419 -0.52 1.74 9.62
C MET A 419 -1.92 1.15 9.50
N LEU A 420 -2.48 0.76 10.64
CA LEU A 420 -3.86 0.33 10.71
C LEU A 420 -4.80 1.43 10.24
N LEU A 421 -4.93 2.48 11.04
CA LEU A 421 -5.88 3.56 10.73
C LEU A 421 -5.58 4.13 9.35
N SER A 422 -4.42 4.77 9.23
CA SER A 422 -4.03 5.43 7.98
C SER A 422 -4.04 4.51 6.76
N GLY A 423 -3.47 3.31 6.86
CA GLY A 423 -3.49 2.41 5.71
C GLY A 423 -4.84 1.78 5.37
N ALA A 424 -5.33 0.99 6.33
CA ALA A 424 -6.61 0.29 6.21
C ALA A 424 -7.84 1.20 6.03
N ILE A 425 -8.14 1.98 7.05
CA ILE A 425 -9.32 2.84 7.04
C ILE A 425 -9.32 3.70 5.80
N ALA A 426 -8.17 4.22 5.41
CA ALA A 426 -8.10 5.00 4.20
C ALA A 426 -8.30 4.19 2.93
N ASN A 427 -7.94 2.90 2.94
CA ASN A 427 -8.26 2.12 1.75
C ASN A 427 -9.74 1.73 1.63
N TYR A 428 -10.38 1.42 2.76
CA TYR A 428 -11.83 1.20 2.74
C TYR A 428 -12.61 2.49 2.42
N LEU A 429 -12.13 3.62 2.95
CA LEU A 429 -12.74 4.91 2.64
C LEU A 429 -12.54 5.23 1.17
N ALA A 430 -11.37 4.89 0.65
CA ALA A 430 -11.12 5.00 -0.77
C ALA A 430 -12.20 4.23 -1.54
N GLY A 431 -12.49 3.03 -1.06
CA GLY A 431 -13.55 2.19 -1.60
C GLY A 431 -14.94 2.81 -1.58
N VAL A 432 -15.31 3.41 -0.45
CA VAL A 432 -16.57 4.13 -0.32
C VAL A 432 -16.68 5.32 -1.28
N ILE A 433 -15.67 6.19 -1.28
CA ILE A 433 -15.62 7.32 -2.23
C ILE A 433 -15.85 6.79 -3.65
N ALA A 434 -15.22 5.67 -3.97
CA ALA A 434 -15.44 5.01 -5.26
C ALA A 434 -16.92 4.60 -5.53
N ASP A 435 -17.52 3.92 -4.54
CA ASP A 435 -18.95 3.57 -4.56
C ASP A 435 -19.80 4.79 -4.88
N GLN A 436 -19.49 5.90 -4.22
CA GLN A 436 -20.18 7.17 -4.43
C GLN A 436 -19.83 7.82 -5.78
N THR A 437 -18.81 7.32 -6.47
CA THR A 437 -18.66 7.69 -7.88
C THR A 437 -19.68 6.93 -8.73
N SER A 438 -19.58 5.61 -8.77
CA SER A 438 -20.41 4.87 -9.72
C SER A 438 -21.91 4.88 -9.40
N SER A 451 -22.60 9.53 -15.40
CA SER A 451 -21.32 9.06 -15.92
C SER A 451 -20.18 10.02 -15.60
N ILE A 452 -19.73 10.70 -16.64
CA ILE A 452 -18.68 11.71 -16.52
C ILE A 452 -19.09 12.78 -15.50
N ASN A 453 -20.39 13.01 -15.38
CA ASN A 453 -20.93 14.01 -14.45
C ASN A 453 -20.78 13.59 -13.00
N ALA A 454 -20.93 12.29 -12.73
CA ALA A 454 -20.73 11.75 -11.40
C ALA A 454 -19.25 11.77 -11.06
N TYR A 455 -18.43 11.30 -12.01
CA TYR A 455 -16.98 11.34 -11.81
C TYR A 455 -16.50 12.74 -11.48
N ILE A 456 -16.98 13.71 -12.26
CA ILE A 456 -16.65 15.10 -12.05
C ILE A 456 -17.16 15.59 -10.70
N GLU A 457 -18.35 15.10 -10.32
CA GLU A 457 -18.89 15.39 -9.00
C GLU A 457 -17.88 15.01 -7.92
N VAL A 458 -17.54 13.73 -7.83
CA VAL A 458 -16.56 13.28 -6.82
C VAL A 458 -15.16 13.93 -6.89
N PHE A 459 -14.64 14.14 -8.10
CA PHE A 459 -13.32 14.76 -8.23
C PHE A 459 -13.30 16.22 -7.75
N ASP A 460 -14.25 17.01 -8.23
CA ASP A 460 -14.38 18.40 -7.79
C ASP A 460 -14.56 18.45 -6.27
N GLN A 461 -15.52 17.66 -5.80
CA GLN A 461 -15.85 17.64 -4.38
C GLN A 461 -14.64 17.27 -3.50
N ILE A 462 -13.91 16.22 -3.87
CA ILE A 462 -12.72 15.87 -3.09
C ILE A 462 -11.54 16.83 -3.30
N THR A 463 -11.59 17.64 -4.35
CA THR A 463 -10.64 18.74 -4.46
C THR A 463 -10.92 19.82 -3.40
N TRP A 464 -12.19 20.26 -3.30
CA TRP A 464 -12.50 21.28 -2.29
C TRP A 464 -12.36 20.73 -0.86
N GLY A 465 -12.57 19.42 -0.71
CA GLY A 465 -12.42 18.73 0.57
C GLY A 465 -11.01 18.46 1.04
N ALA A 466 -10.18 17.93 0.14
CA ALA A 466 -8.74 17.84 0.38
C ALA A 466 -8.25 19.23 0.77
N LEU A 467 -8.62 20.23 -0.02
CA LEU A 467 -8.29 21.62 0.31
C LEU A 467 -8.82 22.08 1.68
N ALA A 468 -9.97 21.58 2.10
CA ALA A 468 -10.47 21.90 3.44
C ALA A 468 -9.53 21.33 4.49
N CYS A 469 -9.06 20.10 4.24
CA CYS A 469 -8.05 19.49 5.11
C CYS A 469 -6.76 20.34 5.18
N VAL A 470 -6.32 20.81 4.01
CA VAL A 470 -5.16 21.68 3.93
C VAL A 470 -5.35 22.88 4.81
N GLY A 471 -6.41 23.62 4.54
CA GLY A 471 -6.71 24.84 5.26
C GLY A 471 -6.68 24.58 6.75
N VAL A 472 -7.38 23.54 7.21
CA VAL A 472 -7.42 23.24 8.64
C VAL A 472 -6.03 22.98 9.22
N VAL A 473 -5.20 22.26 8.46
CA VAL A 473 -3.80 22.06 8.83
C VAL A 473 -3.00 23.39 8.96
N LEU A 474 -3.07 24.20 7.92
CA LEU A 474 -2.46 25.53 7.88
C LEU A 474 -2.84 26.31 9.11
N MET A 475 -4.13 26.42 9.36
CA MET A 475 -4.64 27.08 10.54
C MET A 475 -4.02 26.51 11.81
N ILE A 476 -4.02 25.19 11.92
CA ILE A 476 -3.51 24.52 13.11
C ILE A 476 -2.07 24.92 13.41
N TRP A 477 -1.15 24.68 12.48
CA TRP A 477 0.23 24.92 12.86
C TRP A 477 0.70 26.38 12.72
N LEU A 478 -0.06 27.16 11.97
CA LEU A 478 0.09 28.59 12.00
C LEU A 478 -0.18 29.04 13.43
N TYR A 479 -1.28 28.56 14.02
CA TYR A 479 -1.57 28.90 15.41
C TYR A 479 -0.57 28.25 16.38
N GLN A 480 0.10 27.20 15.93
CA GLN A 480 1.21 26.65 16.69
C GLN A 480 2.40 27.61 16.79
N ALA A 481 2.80 28.18 15.67
CA ALA A 481 3.90 29.15 15.64
C ALA A 481 3.66 30.33 16.60
#